data_2YJ6
#
_entry.id   2YJ6
#
_cell.length_a   69.560
_cell.length_b   53.900
_cell.length_c   78.950
_cell.angle_alpha   90.00
_cell.angle_beta   98.24
_cell.angle_gamma   90.00
#
_symmetry.space_group_name_H-M   'P 1 21 1'
#
loop_
_entity.id
_entity.type
_entity.pdbx_description
1 polymer 'COPPER-TRANSPORTING ATPASE'
2 non-polymer "5'-O-[(S)-hydroxy{[(R)-hydroxy({(S)-hydroxy[(1S)-1-(2-nitrophenyl)ethoxy]phosphoryl}oxy)phosphoryl]oxy}phosphoryl]adenosine"
3 non-polymer 'PHOSPHATE ION'
4 water water
#
_entity_poly.entity_id   1
_entity_poly.type   'polypeptide(L)'
_entity_poly.pdbx_seq_one_letter_code
;MALSLYEKMLHKGMIIKNSNVYEKIKEIDTIIFNKTGTLTYGTPIVTQFIGDSLSLAYAASVEALSSHPIAKAIVKYAKE
QGVKILEVKDFKEISGIGVRGKISDKIIEVKKAENNNDIAVYINGEPIASFNISDVPRPNLKDYLEKLKNEGLKIIILSG
DKEDKVKELSKELNIQEYYSNLSPEDKVRIIEKLKQNGNKVLMIGDGVNDAAALALADVSVAMGNGVDISKNVADIILVS
NDIGTLLGLIKNRKRLSNAIPSN
;
_entity_poly.pdbx_strand_id   A,B
#
loop_
_chem_comp.id
_chem_comp.type
_chem_comp.name
_chem_comp.formula
A99 non-polymer 5'-O-[(S)-hydroxy{[(R)-hydroxy({(S)-hydroxy[(1S)-1-(2-nitrophenyl)ethoxy]phosphoryl}oxy)phosphoryl]oxy}phosphoryl]adenosine 'C18 H23 N6 O15 P3'
PO4 non-polymer 'PHOSPHATE ION' 'O4 P -3'
#
# COMPACT_ATOMS: atom_id res chain seq x y z
N ALA A 2 26.67 36.55 1.22
CA ALA A 2 25.67 35.79 1.96
C ALA A 2 24.77 35.01 1.02
N LEU A 3 24.19 33.94 1.53
CA LEU A 3 23.32 33.10 0.73
C LEU A 3 22.00 33.00 1.46
N SER A 4 20.98 32.50 0.77
CA SER A 4 19.71 32.21 1.43
C SER A 4 19.95 31.08 2.41
N LEU A 5 19.04 30.97 3.39
CA LEU A 5 19.08 29.85 4.32
C LEU A 5 18.81 28.57 3.53
N TYR A 6 18.03 28.70 2.46
CA TYR A 6 17.80 27.54 1.59
C TYR A 6 19.12 27.07 0.97
N GLU A 7 19.87 28.02 0.42
CA GLU A 7 21.17 27.71 -0.16
C GLU A 7 22.15 27.08 0.83
N LYS A 8 22.08 27.49 2.09
CA LYS A 8 23.00 26.99 3.11
C LYS A 8 22.70 25.55 3.54
N MET A 9 21.42 25.24 3.70
CA MET A 9 21.00 23.88 4.01
C MET A 9 21.38 22.96 2.84
N LEU A 10 21.18 23.46 1.63
CA LEU A 10 21.48 22.67 0.46
C LEU A 10 22.96 22.35 0.45
N HIS A 11 23.80 23.35 0.71
CA HIS A 11 25.24 23.10 0.76
C HIS A 11 25.61 22.00 1.78
N LYS A 12 24.77 21.82 2.79
CA LYS A 12 25.06 20.85 3.86
C LYS A 12 24.54 19.44 3.59
N GLY A 13 23.74 19.28 2.54
CA GLY A 13 23.17 17.98 2.23
C GLY A 13 21.68 17.83 2.43
N MET A 14 20.96 18.95 2.61
CA MET A 14 19.53 18.87 2.91
C MET A 14 18.67 19.77 2.02
N ILE A 15 17.63 19.19 1.43
CA ILE A 15 16.63 19.96 0.67
C ILE A 15 15.43 20.32 1.53
N ILE A 16 15.17 21.61 1.71
CA ILE A 16 14.07 22.06 2.59
C ILE A 16 12.79 22.31 1.83
N LYS A 17 11.88 21.34 1.85
CA LYS A 17 10.63 21.43 1.07
C LYS A 17 9.62 22.46 1.59
N ASN A 18 9.80 22.95 2.81
CA ASN A 18 9.04 24.15 3.25
C ASN A 18 9.69 24.93 4.39
N SER A 19 9.73 26.24 4.23
CA SER A 19 10.46 27.13 5.15
C SER A 19 9.87 27.19 6.56
N ASN A 20 8.75 26.52 6.75
CA ASN A 20 8.09 26.48 8.05
C ASN A 20 8.68 25.46 9.02
N VAL A 21 9.54 24.58 8.51
CA VAL A 21 10.12 23.51 9.31
C VAL A 21 11.07 24.06 10.38
N TYR A 22 11.74 25.18 10.08
CA TYR A 22 12.73 25.75 10.98
C TYR A 22 12.17 26.01 12.40
N GLU A 23 10.98 26.59 12.50
CA GLU A 23 10.42 26.84 13.82
C GLU A 23 9.89 25.55 14.45
N LYS A 24 9.34 24.68 13.61
CA LYS A 24 8.79 23.40 14.05
C LYS A 24 9.77 22.45 14.75
N ILE A 25 11.03 22.46 14.34
CA ILE A 25 11.99 21.53 14.95
C ILE A 25 12.38 21.91 16.37
N LYS A 26 12.37 23.21 16.70
CA LYS A 26 12.77 23.63 18.04
C LYS A 26 11.89 22.98 19.09
N GLU A 27 10.67 22.63 18.72
CA GLU A 27 9.72 22.04 19.67
C GLU A 27 9.83 20.52 19.79
N ILE A 28 10.55 19.88 18.88
CA ILE A 28 10.61 18.41 18.82
C ILE A 28 11.09 17.81 20.13
N ASP A 29 10.41 16.79 20.63
CA ASP A 29 10.92 16.07 21.79
C ASP A 29 11.15 14.57 21.54
N THR A 30 10.74 14.06 20.36
CA THR A 30 10.83 12.63 20.05
C THR A 30 11.39 12.31 18.66
N ILE A 31 12.34 11.37 18.61
CA ILE A 31 12.94 10.93 17.36
C ILE A 31 12.54 9.48 17.06
N ILE A 32 11.92 9.26 15.90
CA ILE A 32 11.51 7.91 15.50
C ILE A 32 12.19 7.43 14.22
N PHE A 33 12.85 6.29 14.32
CA PHE A 33 13.51 5.67 13.17
C PHE A 33 12.68 4.52 12.61
N ASN A 34 12.35 4.60 11.33
CA ASN A 34 11.93 3.43 10.58
C ASN A 34 13.17 2.62 10.23
N LYS A 35 13.30 1.42 10.79
CA LYS A 35 14.54 0.64 10.64
C LYS A 35 15.11 0.57 9.22
N THR A 36 14.43 -0.14 8.33
CA THR A 36 14.96 -0.45 7.00
C THR A 36 15.23 0.79 6.13
N GLY A 37 16.47 0.96 5.67
CA GLY A 37 16.83 2.06 4.80
C GLY A 37 17.37 3.28 5.53
N THR A 38 17.25 3.30 6.85
CA THR A 38 17.77 4.42 7.64
C THR A 38 18.92 3.95 8.55
N LEU A 39 18.62 3.07 9.49
CA LEU A 39 19.65 2.38 10.27
C LEU A 39 20.37 1.28 9.45
N THR A 40 19.76 0.85 8.36
CA THR A 40 20.42 -0.11 7.46
C THR A 40 20.57 0.49 6.07
N TYR A 41 21.35 -0.17 5.22
CA TYR A 41 21.41 0.23 3.81
C TYR A 41 20.14 -0.13 3.09
N GLY A 42 19.35 -1.02 3.68
CA GLY A 42 18.14 -1.53 3.05
C GLY A 42 18.47 -2.47 1.90
N THR A 43 19.58 -3.19 2.02
CA THR A 43 20.03 -4.13 0.98
C THR A 43 20.11 -5.58 1.51
N PRO A 44 19.19 -6.44 1.06
CA PRO A 44 19.18 -7.84 1.52
C PRO A 44 20.35 -8.71 1.03
N ILE A 45 20.83 -9.61 1.89
CA ILE A 45 21.90 -10.54 1.54
C ILE A 45 21.59 -11.93 2.09
N VAL A 46 21.91 -12.96 1.29
CA VAL A 46 21.79 -14.35 1.78
C VAL A 46 22.81 -14.66 2.89
N THR A 47 22.35 -15.14 4.04
CA THR A 47 23.28 -15.52 5.11
C THR A 47 23.44 -17.03 5.29
N GLN A 48 22.49 -17.80 4.76
CA GLN A 48 22.52 -19.26 4.83
C GLN A 48 21.60 -19.88 3.74
N PHE A 49 22.10 -20.91 3.07
CA PHE A 49 21.28 -21.78 2.22
C PHE A 49 21.36 -23.24 2.65
N ILE A 50 20.22 -23.88 2.83
CA ILE A 50 20.21 -25.32 3.08
C ILE A 50 19.57 -26.08 1.94
N GLY A 51 20.34 -26.94 1.28
CA GLY A 51 19.86 -27.82 0.22
C GLY A 51 21.04 -28.15 -0.70
N ASP A 52 20.82 -28.89 -1.78
CA ASP A 52 21.95 -29.16 -2.69
C ASP A 52 21.93 -28.28 -3.94
N SER A 53 22.99 -28.41 -4.75
CA SER A 53 23.26 -27.52 -5.88
C SER A 53 22.20 -27.53 -7.00
N LEU A 54 21.42 -28.60 -7.10
CA LEU A 54 20.36 -28.67 -8.10
C LEU A 54 19.20 -27.78 -7.69
N SER A 55 18.82 -27.88 -6.42
CA SER A 55 17.75 -27.08 -5.85
C SER A 55 18.09 -25.59 -5.93
N LEU A 56 19.34 -25.29 -5.62
CA LEU A 56 19.84 -23.93 -5.72
C LEU A 56 19.71 -23.41 -7.17
N ALA A 57 20.12 -24.21 -8.16
CA ALA A 57 19.96 -23.82 -9.58
C ALA A 57 18.50 -23.59 -9.99
N TYR A 58 17.59 -24.40 -9.46
CA TYR A 58 16.18 -24.35 -9.83
C TYR A 58 15.53 -23.09 -9.30
N ALA A 59 15.79 -22.79 -8.04
CA ALA A 59 15.29 -21.57 -7.42
C ALA A 59 15.87 -20.31 -8.06
N ALA A 60 17.18 -20.31 -8.31
CA ALA A 60 17.83 -19.16 -8.94
C ALA A 60 17.25 -18.85 -10.32
N SER A 61 17.02 -19.91 -11.11
CA SER A 61 16.57 -19.75 -12.50
C SER A 61 15.15 -19.17 -12.59
N VAL A 62 14.37 -19.30 -11.51
CA VAL A 62 13.04 -18.67 -11.49
C VAL A 62 13.13 -17.23 -11.00
N GLU A 63 13.95 -16.99 -9.99
CA GLU A 63 14.08 -15.65 -9.42
C GLU A 63 14.70 -14.63 -10.38
N ALA A 64 15.44 -15.13 -11.37
CA ALA A 64 16.11 -14.28 -12.32
C ALA A 64 15.12 -13.38 -13.07
N LEU A 65 13.92 -13.87 -13.32
CA LEU A 65 12.92 -13.07 -14.06
C LEU A 65 12.18 -12.04 -13.19
N SER A 66 12.57 -11.88 -11.92
CA SER A 66 11.96 -10.85 -11.08
C SER A 66 12.91 -9.71 -10.76
N SER A 67 12.34 -8.63 -10.26
CA SER A 67 13.09 -7.42 -9.93
C SER A 67 13.01 -7.17 -8.46
N HIS A 68 12.28 -8.03 -7.75
CA HIS A 68 12.23 -7.92 -6.30
C HIS A 68 13.65 -7.93 -5.76
N PRO A 69 13.90 -7.14 -4.71
CA PRO A 69 15.20 -7.17 -4.02
C PRO A 69 15.56 -8.58 -3.50
N ILE A 70 14.57 -9.38 -3.11
CA ILE A 70 14.83 -10.76 -2.70
C ILE A 70 15.39 -11.56 -3.87
N ALA A 71 14.71 -11.47 -5.00
CA ALA A 71 15.11 -12.19 -6.19
C ALA A 71 16.57 -11.92 -6.53
N LYS A 72 16.93 -10.63 -6.57
CA LYS A 72 18.27 -10.22 -6.97
C LYS A 72 19.38 -10.76 -6.05
N ALA A 73 19.11 -10.76 -4.75
CA ALA A 73 20.03 -11.33 -3.75
C ALA A 73 20.26 -12.83 -3.97
N ILE A 74 19.18 -13.59 -4.14
CA ILE A 74 19.28 -15.03 -4.38
C ILE A 74 20.06 -15.34 -5.65
N VAL A 75 19.72 -14.67 -6.74
CA VAL A 75 20.45 -14.84 -8.01
C VAL A 75 21.93 -14.45 -7.85
N LYS A 76 22.22 -13.39 -7.09
CA LYS A 76 23.59 -12.97 -6.84
C LYS A 76 24.40 -14.04 -6.07
N TYR A 77 23.85 -14.48 -4.95
CA TYR A 77 24.46 -15.57 -4.21
C TYR A 77 24.69 -16.81 -5.08
N ALA A 78 23.69 -17.20 -5.86
CA ALA A 78 23.79 -18.46 -6.59
C ALA A 78 24.92 -18.47 -7.60
N LYS A 79 25.12 -17.35 -8.29
CA LYS A 79 26.19 -17.29 -9.28
C LYS A 79 27.56 -17.30 -8.60
N GLU A 80 27.62 -16.75 -7.40
CA GLU A 80 28.85 -16.78 -6.62
C GLU A 80 29.21 -18.23 -6.25
N GLN A 81 28.23 -19.11 -6.23
CA GLN A 81 28.45 -20.53 -5.93
C GLN A 81 28.68 -21.35 -7.20
N GLY A 82 28.68 -20.70 -8.35
CA GLY A 82 28.95 -21.39 -9.60
C GLY A 82 27.75 -21.90 -10.38
N VAL A 83 26.56 -21.44 -10.03
CA VAL A 83 25.34 -21.90 -10.69
C VAL A 83 25.20 -21.32 -12.11
N LYS A 84 24.73 -22.15 -13.04
CA LYS A 84 24.36 -21.70 -14.37
C LYS A 84 22.84 -21.55 -14.47
N ILE A 85 22.39 -20.45 -15.05
CA ILE A 85 20.96 -20.17 -15.09
C ILE A 85 20.23 -20.93 -16.19
N LEU A 86 19.11 -21.57 -15.83
CA LEU A 86 18.39 -22.46 -16.73
C LEU A 86 17.12 -21.80 -17.26
N GLU A 87 16.62 -22.32 -18.37
CA GLU A 87 15.45 -21.77 -19.06
C GLU A 87 14.12 -22.11 -18.37
N VAL A 88 13.31 -21.10 -18.13
CA VAL A 88 12.05 -21.24 -17.41
C VAL A 88 10.82 -20.97 -18.30
N LYS A 89 9.68 -21.56 -17.95
CA LYS A 89 8.40 -21.27 -18.60
C LYS A 89 7.32 -20.89 -17.59
N ASP A 90 6.14 -20.60 -18.10
CA ASP A 90 4.98 -20.26 -17.28
C ASP A 90 5.29 -19.47 -16.01
N PHE A 91 6.26 -18.57 -16.11
CA PHE A 91 6.65 -17.77 -14.96
C PHE A 91 5.45 -17.02 -14.38
N LYS A 92 5.44 -16.81 -13.07
CA LYS A 92 4.42 -15.99 -12.44
C LYS A 92 4.89 -15.47 -11.09
N GLU A 93 4.79 -14.17 -10.92
CA GLU A 93 5.16 -13.56 -9.66
C GLU A 93 3.90 -13.05 -9.00
N ILE A 94 3.31 -13.88 -8.15
CA ILE A 94 2.18 -13.43 -7.38
C ILE A 94 2.65 -12.36 -6.41
N SER A 95 2.39 -11.11 -6.76
CA SER A 95 2.82 -9.99 -5.93
C SER A 95 2.45 -10.21 -4.46
N GLY A 96 3.36 -9.87 -3.56
CA GLY A 96 3.11 -9.94 -2.14
C GLY A 96 3.26 -11.31 -1.50
N ILE A 97 3.64 -12.33 -2.27
CA ILE A 97 3.81 -13.66 -1.69
C ILE A 97 5.12 -14.36 -2.14
N GLY A 98 5.26 -14.56 -3.44
CA GLY A 98 6.41 -15.26 -3.98
C GLY A 98 6.37 -15.33 -5.49
N VAL A 99 7.01 -16.35 -6.04
CA VAL A 99 7.21 -16.46 -7.45
C VAL A 99 7.09 -17.91 -7.89
N ARG A 100 6.98 -18.15 -9.20
CA ARG A 100 6.82 -19.52 -9.69
C ARG A 100 7.11 -19.72 -11.16
N GLY A 101 7.41 -20.97 -11.53
CA GLY A 101 7.76 -21.32 -12.89
C GLY A 101 7.93 -22.81 -13.08
N LYS A 102 8.24 -23.23 -14.31
CA LYS A 102 8.34 -24.66 -14.64
C LYS A 102 9.64 -24.98 -15.33
N ILE A 103 10.24 -26.12 -14.97
CA ILE A 103 11.53 -26.56 -15.51
C ILE A 103 11.60 -28.08 -15.56
N SER A 104 11.97 -28.62 -16.71
CA SER A 104 12.08 -30.06 -16.89
C SER A 104 10.84 -30.78 -16.36
N ASP A 105 9.66 -30.21 -16.62
CA ASP A 105 8.39 -30.78 -16.19
C ASP A 105 8.08 -30.58 -14.69
N LYS A 106 9.03 -30.05 -13.93
CA LYS A 106 8.84 -29.85 -12.49
C LYS A 106 8.32 -28.46 -12.21
N ILE A 107 7.43 -28.36 -11.22
CA ILE A 107 6.90 -27.07 -10.80
C ILE A 107 7.65 -26.53 -9.57
N ILE A 108 8.18 -25.32 -9.69
CA ILE A 108 9.03 -24.72 -8.66
C ILE A 108 8.42 -23.46 -8.08
N GLU A 109 8.23 -23.43 -6.76
CA GLU A 109 7.78 -22.22 -6.10
C GLU A 109 8.84 -21.75 -5.11
N VAL A 110 8.96 -20.44 -4.94
CA VAL A 110 9.82 -19.83 -3.91
C VAL A 110 9.02 -18.82 -3.12
N LYS A 111 8.93 -18.96 -1.79
CA LYS A 111 8.17 -18.00 -0.98
C LYS A 111 8.53 -17.93 0.52
N LYS A 112 7.76 -17.16 1.29
CA LYS A 112 8.00 -17.03 2.74
C LYS A 112 7.93 -18.38 3.46
N ALA A 113 8.88 -18.63 4.35
CA ALA A 113 8.85 -19.85 5.16
C ALA A 113 8.39 -19.56 6.60
N GLU A 114 7.90 -20.59 7.28
CA GLU A 114 7.20 -20.38 8.54
C GLU A 114 8.03 -20.22 9.84
N ASN A 115 8.76 -21.25 10.24
CA ASN A 115 9.33 -21.33 11.61
C ASN A 115 10.60 -20.51 11.91
N ASN A 116 11.76 -21.04 11.56
CA ASN A 116 13.05 -20.37 11.82
C ASN A 116 13.78 -19.89 10.57
N ASN A 117 13.25 -20.20 9.39
CA ASN A 117 13.82 -19.74 8.12
C ASN A 117 13.00 -18.58 7.55
N ASP A 118 13.56 -17.92 6.54
CA ASP A 118 12.87 -16.81 5.90
C ASP A 118 12.19 -17.25 4.60
N ILE A 119 12.91 -17.98 3.76
CA ILE A 119 12.43 -18.33 2.42
C ILE A 119 12.47 -19.85 2.13
N ALA A 120 11.49 -20.35 1.38
CA ALA A 120 11.39 -21.80 1.13
C ALA A 120 11.21 -22.18 -0.35
N VAL A 121 11.76 -23.33 -0.72
CA VAL A 121 11.73 -23.80 -2.10
C VAL A 121 10.93 -25.09 -2.19
N TYR A 122 9.86 -25.07 -2.99
CA TYR A 122 9.01 -26.24 -3.24
C TYR A 122 9.21 -26.84 -4.62
N ILE A 123 9.29 -28.17 -4.70
CA ILE A 123 9.29 -28.85 -5.98
C ILE A 123 8.15 -29.86 -6.06
N ASN A 124 7.18 -29.56 -6.94
CA ASN A 124 5.93 -30.32 -7.04
C ASN A 124 5.22 -30.49 -5.69
N GLY A 125 5.16 -29.41 -4.92
CA GLY A 125 4.48 -29.39 -3.63
C GLY A 125 5.28 -29.83 -2.41
N GLU A 126 6.50 -30.33 -2.62
CA GLU A 126 7.35 -30.82 -1.52
C GLU A 126 8.42 -29.79 -1.13
N PRO A 127 8.48 -29.40 0.17
CA PRO A 127 9.52 -28.45 0.58
C PRO A 127 10.93 -29.08 0.65
N ILE A 128 11.84 -28.62 -0.20
CA ILE A 128 13.17 -29.26 -0.29
C ILE A 128 14.43 -28.40 -0.01
N ALA A 129 14.27 -27.12 0.26
CA ALA A 129 15.44 -26.27 0.56
C ALA A 129 14.97 -24.95 1.16
N SER A 130 15.86 -24.21 1.83
CA SER A 130 15.52 -22.90 2.41
C SER A 130 16.68 -21.92 2.43
N PHE A 131 16.35 -20.64 2.58
CA PHE A 131 17.33 -19.57 2.74
C PHE A 131 17.07 -18.74 4.01
N ASN A 132 18.13 -18.16 4.55
CA ASN A 132 18.00 -17.07 5.50
C ASN A 132 18.60 -15.80 4.90
N ILE A 133 17.87 -14.71 5.02
CA ILE A 133 18.19 -13.45 4.36
C ILE A 133 18.26 -12.30 5.36
N SER A 134 19.28 -11.45 5.22
CA SER A 134 19.48 -10.31 6.13
C SER A 134 19.80 -8.99 5.43
N ASP A 135 19.71 -7.90 6.20
CA ASP A 135 20.04 -6.54 5.77
C ASP A 135 21.44 -6.28 6.33
N VAL A 136 22.03 -5.13 5.97
CA VAL A 136 23.31 -4.68 6.52
C VAL A 136 23.18 -3.35 7.28
N PRO A 137 23.60 -3.31 8.55
CA PRO A 137 23.59 -2.06 9.33
C PRO A 137 24.63 -1.03 8.84
N ARG A 138 24.23 0.24 8.82
CA ARG A 138 25.09 1.32 8.32
C ARG A 138 26.37 1.44 9.14
N PRO A 139 27.47 1.83 8.48
CA PRO A 139 28.81 1.79 9.04
C PRO A 139 28.93 2.50 10.39
N ASN A 140 28.67 3.80 10.42
CA ASN A 140 28.88 4.59 11.63
C ASN A 140 28.23 4.01 12.88
N LEU A 141 27.17 4.69 13.33
CA LEU A 141 26.44 4.38 14.56
C LEU A 141 26.03 5.73 15.12
N LYS A 142 25.29 5.73 16.22
CA LYS A 142 24.84 6.98 16.78
C LYS A 142 25.59 7.35 18.05
N ASP A 143 26.08 8.58 18.10
CA ASP A 143 26.37 9.19 19.38
C ASP A 143 24.99 9.42 19.95
N TYR A 144 24.15 8.40 19.85
CA TYR A 144 22.75 8.49 20.20
C TYR A 144 22.62 9.06 21.60
N LEU A 145 23.67 8.89 22.39
CA LEU A 145 23.78 9.57 23.67
C LEU A 145 23.68 11.05 23.36
N GLU A 146 24.55 11.54 22.49
CA GLU A 146 24.49 12.91 22.00
C GLU A 146 23.07 13.29 21.55
N LYS A 147 22.38 12.34 20.93
CA LYS A 147 20.98 12.57 20.58
C LYS A 147 20.16 12.72 21.86
N LEU A 148 20.54 11.91 22.85
CA LEU A 148 19.92 11.96 24.18
C LEU A 148 20.59 13.02 25.03
N LYS A 149 21.54 13.74 24.43
CA LYS A 149 22.15 14.91 25.04
C LYS A 149 21.62 16.16 24.35
N ASN A 150 21.58 16.12 23.01
CA ASN A 150 21.15 17.25 22.17
C ASN A 150 19.92 17.91 22.75
N GLU A 151 19.16 17.10 23.49
CA GLU A 151 18.16 17.54 24.43
C GLU A 151 17.86 16.31 25.27
N GLY A 152 16.65 16.24 25.82
CA GLY A 152 16.22 15.07 26.56
C GLY A 152 15.49 14.13 25.64
N LEU A 153 15.91 14.13 24.38
CA LEU A 153 15.20 13.43 23.30
C LEU A 153 14.83 11.97 23.58
N LYS A 154 13.56 11.64 23.40
CA LYS A 154 13.10 10.25 23.41
C LYS A 154 13.38 9.57 22.06
N ILE A 155 13.99 8.40 22.08
CA ILE A 155 14.33 7.70 20.84
C ILE A 155 13.64 6.33 20.70
N ILE A 156 13.10 6.07 19.51
CA ILE A 156 12.22 4.92 19.29
C ILE A 156 12.47 4.26 17.95
N ILE A 157 12.44 2.93 17.93
CA ILE A 157 12.64 2.19 16.68
C ILE A 157 11.38 1.45 16.25
N LEU A 158 11.00 1.64 14.99
CA LEU A 158 9.86 0.89 14.43
C LEU A 158 10.36 -0.07 13.37
N SER A 159 9.89 -1.32 13.42
CA SER A 159 10.30 -2.34 12.45
C SER A 159 9.19 -3.33 12.09
N GLY A 160 9.27 -3.89 10.89
CA GLY A 160 8.38 -4.97 10.50
C GLY A 160 8.96 -6.34 10.82
N ASP A 161 10.26 -6.41 11.07
CA ASP A 161 10.96 -7.68 11.32
C ASP A 161 10.64 -8.31 12.67
N LYS A 162 11.18 -9.51 12.89
CA LYS A 162 10.85 -10.30 14.08
C LYS A 162 11.57 -9.79 15.33
N GLU A 163 11.04 -10.17 16.49
CA GLU A 163 11.53 -9.64 17.77
C GLU A 163 13.03 -9.73 18.01
N ASP A 164 13.66 -10.84 17.64
CA ASP A 164 15.08 -11.02 17.93
C ASP A 164 16.04 -10.27 16.99
N LYS A 165 15.59 -10.01 15.76
CA LYS A 165 16.35 -9.18 14.84
C LYS A 165 16.34 -7.68 15.20
N VAL A 166 15.22 -7.20 15.73
CA VAL A 166 15.09 -5.83 16.19
C VAL A 166 15.81 -5.65 17.51
N LYS A 167 15.56 -6.58 18.44
CA LYS A 167 16.19 -6.53 19.76
C LYS A 167 17.71 -6.58 19.67
N GLU A 168 18.23 -7.41 18.78
CA GLU A 168 19.67 -7.49 18.55
C GLU A 168 20.26 -6.14 18.15
N LEU A 169 19.73 -5.56 17.08
CA LEU A 169 20.16 -4.25 16.61
C LEU A 169 19.98 -3.20 17.71
N SER A 170 18.81 -3.20 18.35
CA SER A 170 18.51 -2.28 19.47
C SER A 170 19.55 -2.33 20.59
N LYS A 171 19.75 -3.51 21.17
CA LYS A 171 20.73 -3.66 22.24
C LYS A 171 22.10 -3.26 21.73
N GLU A 172 22.35 -3.54 20.46
CA GLU A 172 23.63 -3.22 19.82
C GLU A 172 23.94 -1.74 19.93
N LEU A 173 22.90 -0.92 20.04
CA LEU A 173 23.08 0.52 19.96
C LEU A 173 22.51 1.34 21.14
N ASN A 174 22.25 0.68 22.26
CA ASN A 174 21.78 1.36 23.47
C ASN A 174 20.45 2.10 23.32
N ILE A 175 19.47 1.41 22.73
CA ILE A 175 18.11 1.94 22.62
C ILE A 175 17.11 0.95 23.21
N GLN A 176 16.45 1.35 24.28
CA GLN A 176 15.59 0.45 25.04
C GLN A 176 14.15 0.37 24.54
N GLU A 177 13.76 1.32 23.68
CA GLU A 177 12.37 1.40 23.23
C GLU A 177 12.22 1.13 21.73
N TYR A 178 11.65 -0.02 21.41
CA TYR A 178 11.47 -0.45 20.03
C TYR A 178 10.20 -1.30 19.96
N TYR A 179 9.58 -1.32 18.78
CA TYR A 179 8.39 -2.14 18.53
C TYR A 179 8.62 -2.97 17.26
N SER A 180 8.46 -4.29 17.38
CA SER A 180 8.75 -5.20 16.28
C SER A 180 7.47 -5.75 15.61
N ASN A 181 7.60 -6.27 14.39
CA ASN A 181 6.48 -6.96 13.75
C ASN A 181 5.32 -6.07 13.32
N LEU A 182 5.59 -4.81 12.99
CA LEU A 182 4.51 -3.88 12.73
C LEU A 182 4.09 -3.86 11.26
N SER A 183 2.80 -3.75 11.03
CA SER A 183 2.28 -3.46 9.69
C SER A 183 2.37 -1.96 9.46
N PRO A 184 2.23 -1.51 8.20
CA PRO A 184 2.23 -0.07 7.92
C PRO A 184 1.17 0.67 8.71
N GLU A 185 0.02 0.03 8.93
CA GLU A 185 -1.11 0.64 9.62
C GLU A 185 -0.89 0.70 11.11
N ASP A 186 -0.10 -0.24 11.65
CA ASP A 186 0.30 -0.22 13.05
C ASP A 186 1.14 1.03 13.35
N LYS A 187 2.07 1.34 12.46
CA LYS A 187 2.96 2.48 12.71
C LYS A 187 2.16 3.78 12.81
N VAL A 188 1.16 3.90 11.93
CA VAL A 188 0.24 5.03 11.93
C VAL A 188 -0.50 5.15 13.27
N ARG A 189 -0.95 4.02 13.81
CA ARG A 189 -1.62 3.98 15.12
C ARG A 189 -0.71 4.42 16.30
N ILE A 190 0.57 4.08 16.21
CA ILE A 190 1.53 4.47 17.25
C ILE A 190 1.87 5.95 17.19
N ILE A 191 1.94 6.49 15.99
CA ILE A 191 2.25 7.90 15.85
C ILE A 191 1.06 8.73 16.36
N GLU A 192 -0.16 8.28 16.06
CA GLU A 192 -1.37 8.98 16.48
C GLU A 192 -1.50 9.04 18.01
N LYS A 193 -1.17 7.96 18.68
CA LYS A 193 -1.24 7.90 20.14
C LYS A 193 -0.19 8.80 20.76
N LEU A 194 0.98 8.82 20.16
CA LEU A 194 2.09 9.61 20.68
C LEU A 194 1.77 11.08 20.62
N LYS A 195 1.20 11.52 19.50
CA LYS A 195 0.86 12.92 19.34
C LYS A 195 -0.30 13.27 20.26
N GLN A 196 -1.25 12.35 20.38
CA GLN A 196 -2.47 12.57 21.15
C GLN A 196 -2.22 12.74 22.64
N ASN A 197 -1.02 12.41 23.10
CA ASN A 197 -0.66 12.67 24.49
C ASN A 197 0.71 13.30 24.67
N GLY A 198 0.87 14.49 24.08
CA GLY A 198 1.91 15.40 24.47
C GLY A 198 3.09 15.58 23.54
N ASN A 199 3.51 14.48 22.92
CA ASN A 199 4.79 14.44 22.23
C ASN A 199 4.84 15.15 20.88
N LYS A 200 5.98 15.80 20.59
CA LYS A 200 6.20 16.40 19.29
C LYS A 200 7.20 15.54 18.50
N VAL A 201 6.75 15.02 17.36
CA VAL A 201 7.46 13.89 16.74
C VAL A 201 8.20 14.22 15.45
N LEU A 202 9.50 13.99 15.46
CA LEU A 202 10.28 13.98 14.22
C LEU A 202 10.57 12.52 13.77
N MET A 203 10.22 12.23 12.51
CA MET A 203 10.34 10.86 11.99
C MET A 203 11.16 10.79 10.70
N ILE A 204 12.05 9.82 10.64
CA ILE A 204 12.88 9.56 9.46
C ILE A 204 12.52 8.20 8.84
N GLY A 205 12.21 8.18 7.54
CA GLY A 205 11.86 6.93 6.84
C GLY A 205 12.38 6.94 5.42
N ASP A 206 11.85 6.09 4.54
CA ASP A 206 12.25 6.21 3.13
C ASP A 206 11.12 6.50 2.12
N GLY A 207 10.67 5.49 1.37
CA GLY A 207 9.60 5.71 0.41
C GLY A 207 8.55 4.62 0.32
N VAL A 208 8.56 3.70 1.28
CA VAL A 208 7.78 2.47 1.19
C VAL A 208 6.62 2.42 2.18
N ASN A 209 6.68 1.46 3.08
CA ASN A 209 5.66 1.29 4.11
C ASN A 209 5.78 2.34 5.20
N ASP A 210 5.99 3.58 4.79
CA ASP A 210 6.09 4.66 5.75
C ASP A 210 5.63 6.00 5.20
N ALA A 211 5.18 6.02 3.94
CA ALA A 211 4.56 7.22 3.39
C ALA A 211 3.44 7.81 4.27
N ALA A 212 2.52 6.95 4.71
CA ALA A 212 1.41 7.39 5.56
C ALA A 212 1.86 7.82 6.97
N ALA A 213 2.81 7.09 7.55
CA ALA A 213 3.34 7.46 8.86
C ALA A 213 4.07 8.79 8.80
N LEU A 214 4.85 8.99 7.74
CA LEU A 214 5.59 10.23 7.61
C LEU A 214 4.66 11.46 7.52
N ALA A 215 3.54 11.31 6.81
CA ALA A 215 2.60 12.41 6.58
C ALA A 215 1.98 12.95 7.88
N LEU A 216 1.91 12.06 8.86
CA LEU A 216 1.32 12.35 10.14
C LEU A 216 2.29 12.98 11.15
N ALA A 217 3.60 12.87 10.93
CA ALA A 217 4.54 13.37 11.93
C ALA A 217 4.66 14.89 11.88
N ASP A 218 5.11 15.48 12.99
CA ASP A 218 5.28 16.92 13.09
C ASP A 218 6.35 17.42 12.10
N VAL A 219 7.48 16.72 12.06
CA VAL A 219 8.54 17.01 11.10
C VAL A 219 8.99 15.70 10.44
N SER A 220 8.84 15.62 9.12
CA SER A 220 9.22 14.41 8.40
C SER A 220 10.57 14.56 7.68
N VAL A 221 11.36 13.50 7.74
CA VAL A 221 12.63 13.41 7.01
C VAL A 221 12.70 12.15 6.11
N ALA A 222 12.92 12.37 4.82
CA ALA A 222 13.04 11.28 3.84
C ALA A 222 14.46 11.12 3.27
N MET A 223 14.91 9.89 3.08
CA MET A 223 16.21 9.61 2.42
C MET A 223 16.19 10.01 0.94
N GLY A 224 17.36 10.37 0.41
CA GLY A 224 17.48 10.78 -0.99
C GLY A 224 17.18 9.64 -1.95
N ASN A 225 17.42 8.41 -1.50
CA ASN A 225 17.11 7.21 -2.27
C ASN A 225 15.70 6.70 -1.99
N ILE A 229 13.85 13.25 -6.89
CA ILE A 229 12.53 12.76 -7.23
C ILE A 229 11.42 13.59 -6.57
N SER A 230 10.18 13.19 -6.77
CA SER A 230 9.04 13.91 -6.18
C SER A 230 8.72 13.36 -4.80
N LYS A 231 9.62 13.57 -3.85
CA LYS A 231 9.52 12.97 -2.52
C LYS A 231 8.32 13.48 -1.71
N ASN A 232 7.27 13.84 -2.43
CA ASN A 232 5.93 14.06 -1.89
C ASN A 232 5.82 14.59 -0.46
N VAL A 233 5.79 13.68 0.51
CA VAL A 233 5.44 14.04 1.89
C VAL A 233 6.44 14.94 2.61
N ALA A 234 7.70 14.49 2.68
CA ALA A 234 8.67 14.99 3.66
C ALA A 234 8.94 16.50 3.65
N ASP A 235 9.08 17.05 4.86
CA ASP A 235 9.52 18.40 5.07
C ASP A 235 10.97 18.57 4.58
N ILE A 236 11.77 17.52 4.80
CA ILE A 236 13.21 17.57 4.52
C ILE A 236 13.68 16.32 3.79
N ILE A 237 14.44 16.52 2.71
CA ILE A 237 15.05 15.41 1.99
C ILE A 237 16.56 15.39 2.19
N LEU A 238 17.05 14.25 2.64
CA LEU A 238 18.45 14.08 2.96
C LEU A 238 19.19 13.55 1.75
N VAL A 239 19.52 14.45 0.82
CA VAL A 239 20.25 14.10 -0.40
C VAL A 239 21.62 13.54 -0.04
N SER A 240 22.18 14.07 1.03
CA SER A 240 23.39 13.53 1.59
C SER A 240 23.33 12.00 1.63
N ASN A 241 22.16 11.47 1.99
CA ASN A 241 22.00 10.05 2.32
C ASN A 241 22.81 9.64 3.54
N ASP A 242 23.43 10.61 4.19
CA ASP A 242 24.20 10.37 5.40
C ASP A 242 23.43 10.83 6.63
N ILE A 243 23.28 9.95 7.62
CA ILE A 243 22.48 10.28 8.79
C ILE A 243 23.19 11.27 9.71
N GLY A 244 24.48 11.46 9.50
CA GLY A 244 25.28 12.34 10.33
C GLY A 244 24.90 13.80 10.18
N THR A 245 24.37 14.15 9.00
CA THR A 245 23.97 15.51 8.71
C THR A 245 22.86 16.01 9.64
N LEU A 246 21.76 15.29 9.65
CA LEU A 246 20.61 15.66 10.47
C LEU A 246 20.97 15.53 11.94
N LEU A 247 21.70 14.46 12.26
CA LEU A 247 22.31 14.32 13.58
C LEU A 247 22.91 15.64 14.00
N GLY A 248 23.59 16.31 13.07
CA GLY A 248 24.11 17.65 13.31
C GLY A 248 23.01 18.70 13.32
N LEU A 249 22.01 18.52 12.46
CA LEU A 249 20.86 19.41 12.41
C LEU A 249 20.15 19.51 13.76
N ILE A 250 19.88 18.36 14.37
CA ILE A 250 19.23 18.31 15.68
C ILE A 250 19.73 19.40 16.63
N LYS A 251 21.05 19.46 16.79
CA LYS A 251 21.68 20.51 17.61
C LYS A 251 21.67 21.87 16.88
N ASN A 252 21.10 22.88 17.52
CA ASN A 252 20.88 24.15 16.87
C ASN A 252 20.85 25.33 17.84
N ALA B 2 -30.39 -14.07 27.45
CA ALA B 2 -30.67 -13.21 26.30
C ALA B 2 -29.61 -13.34 25.23
N LEU B 3 -29.97 -12.92 24.02
CA LEU B 3 -29.01 -12.79 22.93
C LEU B 3 -28.05 -11.67 23.32
N SER B 4 -26.79 -11.80 22.94
CA SER B 4 -25.85 -10.73 23.11
C SER B 4 -25.99 -9.69 21.99
N LEU B 5 -25.31 -8.55 22.13
CA LEU B 5 -25.37 -7.52 21.10
C LEU B 5 -24.57 -7.99 19.89
N TYR B 6 -23.49 -8.71 20.15
CA TYR B 6 -22.73 -9.29 19.08
C TYR B 6 -23.63 -10.09 18.11
N GLU B 7 -24.44 -11.00 18.66
CA GLU B 7 -25.32 -11.85 17.86
C GLU B 7 -26.40 -11.04 17.14
N LYS B 8 -27.02 -10.10 17.85
CA LYS B 8 -28.04 -9.26 17.25
C LYS B 8 -27.50 -8.50 16.00
N MET B 9 -26.27 -8.02 16.09
CA MET B 9 -25.61 -7.35 14.97
C MET B 9 -25.26 -8.30 13.81
N LEU B 10 -24.88 -9.54 14.11
CA LEU B 10 -24.57 -10.55 13.10
C LEU B 10 -25.84 -10.83 12.32
N HIS B 11 -26.96 -10.86 13.03
CA HIS B 11 -28.24 -11.11 12.39
C HIS B 11 -28.60 -9.98 11.41
N LYS B 12 -28.10 -8.77 11.66
CA LYS B 12 -28.32 -7.67 10.74
C LYS B 12 -27.15 -7.49 9.76
N GLY B 13 -26.24 -8.46 9.68
CA GLY B 13 -25.16 -8.41 8.69
C GLY B 13 -23.86 -7.65 9.02
N MET B 14 -23.63 -7.34 10.31
CA MET B 14 -22.44 -6.59 10.73
C MET B 14 -21.65 -7.34 11.78
N ILE B 15 -20.34 -7.47 11.58
CA ILE B 15 -19.46 -8.04 12.61
C ILE B 15 -18.80 -6.92 13.42
N ILE B 16 -19.15 -6.82 14.71
CA ILE B 16 -18.57 -5.78 15.57
C ILE B 16 -17.35 -6.35 16.30
N LYS B 17 -16.23 -5.62 16.28
CA LYS B 17 -15.00 -6.06 16.94
C LYS B 17 -15.07 -6.06 18.47
N ASN B 18 -15.65 -5.02 19.05
CA ASN B 18 -15.92 -5.07 20.49
C ASN B 18 -16.99 -4.09 20.96
N SER B 19 -17.46 -4.31 22.19
CA SER B 19 -18.65 -3.63 22.69
C SER B 19 -18.54 -2.11 22.81
N ASN B 20 -17.33 -1.61 23.01
CA ASN B 20 -17.14 -0.16 23.18
C ASN B 20 -17.39 0.66 21.91
N VAL B 21 -17.63 0.00 20.78
CA VAL B 21 -17.95 0.73 19.56
C VAL B 21 -19.39 1.28 19.58
N TYR B 22 -20.27 0.66 20.36
CA TYR B 22 -21.60 1.21 20.59
C TYR B 22 -21.54 2.50 21.39
N GLU B 23 -20.50 2.65 22.18
CA GLU B 23 -20.32 3.91 22.89
C GLU B 23 -19.91 4.97 21.89
N LYS B 24 -18.96 4.64 21.02
CA LYS B 24 -18.39 5.60 20.08
C LYS B 24 -19.35 6.20 19.08
N ILE B 25 -20.26 5.39 18.54
CA ILE B 25 -21.08 5.88 17.44
C ILE B 25 -22.07 6.95 17.85
N LYS B 26 -22.42 6.98 19.14
CA LYS B 26 -23.35 8.00 19.61
C LYS B 26 -22.79 9.42 19.46
N GLU B 27 -21.49 9.59 19.62
CA GLU B 27 -20.90 10.92 19.52
C GLU B 27 -20.44 11.34 18.13
N ILE B 28 -20.64 10.47 17.15
CA ILE B 28 -20.19 10.74 15.78
C ILE B 28 -20.87 11.98 15.21
N ASP B 29 -20.15 12.84 14.52
CA ASP B 29 -20.82 13.94 13.81
C ASP B 29 -20.40 14.13 12.35
N THR B 30 -19.42 13.35 11.89
CA THR B 30 -18.97 13.42 10.51
C THR B 30 -18.86 12.04 9.89
N ILE B 31 -19.46 11.88 8.71
CA ILE B 31 -19.41 10.63 7.96
C ILE B 31 -18.63 10.81 6.64
N ILE B 32 -17.60 9.99 6.43
CA ILE B 32 -16.75 10.05 5.24
C ILE B 32 -16.81 8.77 4.36
N PHE B 33 -17.15 8.93 3.09
CA PHE B 33 -17.15 7.80 2.15
C PHE B 33 -15.90 7.73 1.25
N ASN B 34 -15.32 6.54 1.12
CA ASN B 34 -14.30 6.27 0.12
C ASN B 34 -14.95 5.70 -1.14
N LYS B 35 -15.12 6.55 -2.14
CA LYS B 35 -16.01 6.26 -3.28
C LYS B 35 -16.08 4.79 -3.79
N THR B 36 -14.93 4.24 -4.19
CA THR B 36 -14.93 2.95 -4.88
C THR B 36 -15.26 1.77 -3.98
N GLY B 37 -16.30 1.02 -4.36
CA GLY B 37 -16.68 -0.16 -3.59
C GLY B 37 -17.62 0.07 -2.41
N THR B 38 -17.89 1.34 -2.11
CA THR B 38 -18.85 1.70 -1.08
C THR B 38 -20.04 2.37 -1.74
N LEU B 39 -19.80 3.51 -2.37
CA LEU B 39 -20.86 4.20 -3.14
C LEU B 39 -21.05 3.63 -4.57
N THR B 40 -20.13 2.76 -5.00
CA THR B 40 -20.26 2.02 -6.27
C THR B 40 -20.06 0.55 -5.96
N TYR B 41 -20.23 -0.32 -6.96
CA TYR B 41 -20.04 -1.75 -6.73
C TYR B 41 -18.55 -2.13 -6.77
N GLY B 42 -17.73 -1.29 -7.38
CA GLY B 42 -16.32 -1.55 -7.50
C GLY B 42 -15.95 -2.57 -8.59
N THR B 43 -16.88 -2.84 -9.49
CA THR B 43 -16.66 -3.79 -10.59
C THR B 43 -16.56 -3.08 -11.96
N PRO B 44 -15.37 -3.09 -12.58
CA PRO B 44 -15.24 -2.47 -13.92
C PRO B 44 -16.03 -3.19 -15.04
N ILE B 45 -16.71 -2.41 -15.87
CA ILE B 45 -17.45 -2.91 -17.03
C ILE B 45 -17.07 -2.14 -18.31
N VAL B 46 -16.81 -2.87 -19.40
CA VAL B 46 -16.49 -2.22 -20.67
C VAL B 46 -17.74 -1.53 -21.20
N THR B 47 -17.69 -0.21 -21.38
CA THR B 47 -18.87 0.50 -21.92
C THR B 47 -18.75 0.82 -23.42
N GLN B 48 -17.52 0.91 -23.94
CA GLN B 48 -17.28 1.08 -25.38
C GLN B 48 -15.97 0.42 -25.85
N PHE B 49 -15.99 -0.22 -27.03
CA PHE B 49 -14.79 -0.68 -27.76
C PHE B 49 -14.65 0.02 -29.11
N ILE B 50 -13.46 0.56 -29.40
CA ILE B 50 -13.15 1.10 -30.73
C ILE B 50 -12.06 0.24 -31.41
N GLY B 51 -12.34 -0.32 -32.59
CA GLY B 51 -11.36 -1.11 -33.36
C GLY B 51 -12.02 -2.34 -33.98
N ASP B 52 -11.25 -3.23 -34.63
CA ASP B 52 -11.86 -4.40 -35.26
C ASP B 52 -11.82 -5.66 -34.39
N SER B 53 -12.54 -6.70 -34.81
CA SER B 53 -12.63 -7.94 -34.05
C SER B 53 -11.30 -8.71 -33.90
N LEU B 54 -10.40 -8.63 -34.89
CA LEU B 54 -9.08 -9.26 -34.73
C LEU B 54 -8.26 -8.62 -33.58
N SER B 55 -8.24 -7.29 -33.53
CA SER B 55 -7.69 -6.54 -32.37
C SER B 55 -8.32 -6.93 -31.03
N LEU B 56 -9.65 -7.00 -31.00
CA LEU B 56 -10.36 -7.54 -29.85
C LEU B 56 -9.87 -8.95 -29.43
N ALA B 57 -9.82 -9.88 -30.38
CA ALA B 57 -9.33 -11.23 -30.11
C ALA B 57 -7.92 -11.28 -29.47
N TYR B 58 -6.98 -10.49 -30.01
CA TYR B 58 -5.62 -10.39 -29.50
C TYR B 58 -5.51 -9.80 -28.07
N ALA B 59 -6.31 -8.78 -27.77
CA ALA B 59 -6.26 -8.18 -26.44
C ALA B 59 -6.74 -9.16 -25.39
N ALA B 60 -7.87 -9.81 -25.67
CA ALA B 60 -8.49 -10.80 -24.81
C ALA B 60 -7.60 -12.04 -24.54
N SER B 61 -6.87 -12.48 -25.56
CA SER B 61 -5.91 -13.59 -25.45
C SER B 61 -4.78 -13.32 -24.45
N VAL B 62 -4.19 -12.12 -24.51
CA VAL B 62 -3.16 -11.76 -23.53
C VAL B 62 -3.73 -11.59 -22.12
N GLU B 63 -4.83 -10.84 -22.01
CA GLU B 63 -5.47 -10.55 -20.73
C GLU B 63 -5.98 -11.76 -19.97
N ALA B 64 -6.30 -12.84 -20.68
CA ALA B 64 -6.85 -14.02 -20.02
C ALA B 64 -5.83 -14.70 -19.08
N LEU B 65 -4.54 -14.41 -19.29
CA LEU B 65 -3.47 -14.92 -18.43
C LEU B 65 -3.26 -14.03 -17.21
N SER B 66 -4.03 -12.93 -17.11
CA SER B 66 -3.90 -12.08 -15.95
C SER B 66 -5.08 -12.23 -15.03
N SER B 67 -4.88 -11.80 -13.77
CA SER B 67 -5.91 -11.88 -12.74
C SER B 67 -6.45 -10.49 -12.36
N HIS B 68 -5.76 -9.44 -12.79
CA HIS B 68 -6.23 -8.07 -12.67
C HIS B 68 -7.71 -7.92 -13.04
N PRO B 69 -8.45 -7.07 -12.32
CA PRO B 69 -9.86 -6.90 -12.66
C PRO B 69 -10.09 -6.25 -14.04
N ILE B 70 -9.22 -5.35 -14.48
CA ILE B 70 -9.39 -4.76 -15.82
C ILE B 70 -9.26 -5.90 -16.84
N ALA B 71 -8.27 -6.76 -16.62
CA ALA B 71 -8.10 -7.98 -17.41
C ALA B 71 -9.36 -8.84 -17.48
N LYS B 72 -10.00 -9.08 -16.35
CA LYS B 72 -11.19 -9.93 -16.33
C LYS B 72 -12.39 -9.32 -17.08
N ALA B 73 -12.50 -7.99 -17.08
CA ALA B 73 -13.61 -7.30 -17.75
C ALA B 73 -13.46 -7.28 -19.29
N ILE B 74 -12.25 -7.06 -19.75
CA ILE B 74 -11.95 -7.21 -21.18
C ILE B 74 -12.26 -8.64 -21.65
N VAL B 75 -11.83 -9.64 -20.88
CA VAL B 75 -12.05 -11.05 -21.24
C VAL B 75 -13.55 -11.37 -21.33
N LYS B 76 -14.27 -10.98 -20.27
CA LYS B 76 -15.71 -11.19 -20.21
C LYS B 76 -16.45 -10.48 -21.37
N TYR B 77 -16.02 -9.27 -21.68
CA TYR B 77 -16.65 -8.56 -22.81
C TYR B 77 -16.43 -9.28 -24.16
N ALA B 78 -15.22 -9.73 -24.45
CA ALA B 78 -14.93 -10.40 -25.73
C ALA B 78 -15.68 -11.73 -25.84
N LYS B 79 -15.82 -12.43 -24.72
CA LYS B 79 -16.54 -13.70 -24.74
C LYS B 79 -18.03 -13.50 -24.97
N GLU B 80 -18.56 -12.37 -24.49
CA GLU B 80 -19.93 -11.97 -24.81
C GLU B 80 -20.11 -11.65 -26.30
N GLN B 81 -19.06 -11.16 -26.95
CA GLN B 81 -19.13 -10.88 -28.38
C GLN B 81 -19.03 -12.16 -29.21
N GLY B 82 -18.38 -13.19 -28.67
CA GLY B 82 -18.34 -14.50 -29.30
C GLY B 82 -16.96 -14.93 -29.74
N VAL B 83 -15.98 -14.10 -29.46
CA VAL B 83 -14.58 -14.34 -29.79
C VAL B 83 -13.94 -15.52 -29.01
N LYS B 84 -13.05 -16.27 -29.66
CA LYS B 84 -12.35 -17.35 -28.94
C LYS B 84 -10.89 -17.01 -28.58
N ILE B 85 -10.42 -17.51 -27.44
CA ILE B 85 -9.07 -17.23 -26.97
C ILE B 85 -8.00 -17.93 -27.83
N LEU B 86 -6.96 -17.19 -28.22
CA LEU B 86 -5.84 -17.80 -28.93
C LEU B 86 -4.60 -17.94 -28.03
N GLU B 87 -3.71 -18.86 -28.41
CA GLU B 87 -2.50 -19.15 -27.62
C GLU B 87 -1.41 -18.07 -27.70
N VAL B 88 -0.90 -17.69 -26.54
CA VAL B 88 0.11 -16.65 -26.44
C VAL B 88 1.53 -17.20 -26.12
N LYS B 89 2.56 -16.57 -26.68
CA LYS B 89 3.93 -16.92 -26.32
C LYS B 89 4.65 -15.74 -25.65
N ASP B 90 5.56 -16.07 -24.73
CA ASP B 90 6.34 -15.06 -24.00
C ASP B 90 5.48 -14.05 -23.24
N PHE B 91 4.44 -14.53 -22.57
CA PHE B 91 3.60 -13.65 -21.77
C PHE B 91 4.41 -12.96 -20.69
N LYS B 92 4.08 -11.69 -20.42
CA LYS B 92 4.80 -10.91 -19.43
C LYS B 92 3.96 -9.77 -18.83
N GLU B 93 3.87 -9.76 -17.50
CA GLU B 93 3.13 -8.71 -16.81
C GLU B 93 4.06 -7.88 -15.96
N ILE B 94 3.82 -6.58 -15.95
CA ILE B 94 4.47 -5.67 -14.99
C ILE B 94 3.37 -4.94 -14.22
N SER B 95 3.42 -5.01 -12.90
CA SER B 95 2.44 -4.36 -12.05
C SER B 95 2.45 -2.84 -12.27
N GLY B 96 1.28 -2.23 -12.16
CA GLY B 96 1.14 -0.79 -12.33
C GLY B 96 1.15 -0.28 -13.78
N ILE B 97 1.25 -1.18 -14.75
CA ILE B 97 1.29 -0.76 -16.14
C ILE B 97 0.35 -1.56 -17.03
N GLY B 98 0.62 -2.85 -17.18
CA GLY B 98 -0.17 -3.68 -18.07
C GLY B 98 0.47 -5.01 -18.39
N VAL B 99 0.32 -5.44 -19.65
CA VAL B 99 0.45 -6.85 -19.95
C VAL B 99 0.99 -6.99 -21.37
N ARG B 100 1.72 -8.07 -21.65
CA ARG B 100 2.40 -8.22 -22.95
C ARG B 100 2.53 -9.67 -23.52
N GLY B 101 2.63 -9.79 -24.86
CA GLY B 101 2.73 -11.10 -25.49
C GLY B 101 2.81 -11.20 -27.01
N LYS B 102 3.12 -12.39 -27.52
CA LYS B 102 3.27 -12.58 -28.96
C LYS B 102 2.28 -13.58 -29.56
N ILE B 103 1.66 -13.20 -30.67
CA ILE B 103 0.74 -14.09 -31.40
C ILE B 103 0.99 -13.91 -32.91
N SER B 104 1.13 -15.03 -33.63
CA SER B 104 1.39 -14.98 -35.07
C SER B 104 2.52 -14.05 -35.46
N ASP B 105 3.58 -14.04 -34.66
CA ASP B 105 4.76 -13.22 -34.92
C ASP B 105 4.55 -11.69 -34.75
N LYS B 106 3.55 -11.27 -33.97
CA LYS B 106 3.37 -9.85 -33.63
C LYS B 106 3.48 -9.64 -32.13
N ILE B 107 4.02 -8.49 -31.70
CA ILE B 107 4.05 -8.11 -30.27
C ILE B 107 2.79 -7.31 -29.89
N ILE B 108 2.07 -7.80 -28.90
CA ILE B 108 0.85 -7.18 -28.43
C ILE B 108 0.98 -6.70 -26.98
N GLU B 109 0.70 -5.43 -26.74
CA GLU B 109 0.64 -4.87 -25.40
C GLU B 109 -0.75 -4.29 -25.11
N VAL B 110 -1.18 -4.40 -23.86
CA VAL B 110 -2.42 -3.80 -23.42
C VAL B 110 -2.07 -2.99 -22.19
N LYS B 111 -2.36 -1.69 -22.22
CA LYS B 111 -2.02 -0.78 -21.12
C LYS B 111 -2.65 0.61 -21.35
N LYS B 112 -2.47 1.52 -20.39
CA LYS B 112 -3.12 2.84 -20.49
C LYS B 112 -2.80 3.66 -21.76
N ALA B 113 -3.84 4.27 -22.35
CA ALA B 113 -3.63 5.17 -23.48
C ALA B 113 -2.76 6.36 -23.06
N GLU B 114 -2.01 6.91 -24.00
CA GLU B 114 -1.09 8.02 -23.70
C GLU B 114 -1.80 9.15 -22.97
N ASN B 115 -2.87 9.66 -23.57
CA ASN B 115 -3.59 10.80 -23.02
C ASN B 115 -4.66 10.43 -22.01
N ASN B 116 -5.87 10.23 -22.52
CA ASN B 116 -7.08 10.04 -21.71
C ASN B 116 -6.95 9.36 -20.34
N ASN B 117 -6.72 8.05 -20.37
CA ASN B 117 -6.89 7.15 -19.22
C ASN B 117 -7.63 5.89 -19.67
N ASP B 118 -8.11 5.90 -20.92
CA ASP B 118 -8.70 4.71 -21.52
C ASP B 118 -7.66 3.58 -21.56
N ILE B 119 -8.08 2.37 -21.92
CA ILE B 119 -7.14 1.28 -22.15
C ILE B 119 -6.90 1.11 -23.65
N ALA B 120 -5.62 1.12 -24.05
CA ALA B 120 -5.25 0.95 -25.45
C ALA B 120 -4.52 -0.37 -25.69
N VAL B 121 -4.71 -0.88 -26.89
CA VAL B 121 -4.09 -2.10 -27.41
C VAL B 121 -3.05 -1.65 -28.44
N TYR B 122 -1.79 -2.00 -28.18
CA TYR B 122 -0.68 -1.74 -29.12
C TYR B 122 -0.24 -3.02 -29.84
N ILE B 123 0.00 -2.90 -31.15
CA ILE B 123 0.49 -4.04 -31.93
C ILE B 123 1.75 -3.66 -32.66
N ASN B 124 2.86 -4.30 -32.30
CA ASN B 124 4.17 -3.86 -32.77
C ASN B 124 4.37 -2.35 -32.57
N GLY B 125 4.04 -1.87 -31.37
CA GLY B 125 4.30 -0.48 -31.03
C GLY B 125 3.34 0.58 -31.55
N GLU B 126 2.30 0.21 -32.29
CA GLU B 126 1.28 1.18 -32.71
C GLU B 126 -0.06 0.99 -32.03
N PRO B 127 -0.65 2.09 -31.53
CA PRO B 127 -1.98 2.02 -30.92
C PRO B 127 -3.08 1.82 -31.96
N ILE B 128 -3.72 0.66 -31.98
CA ILE B 128 -4.66 0.37 -33.03
C ILE B 128 -6.12 0.19 -32.56
N ALA B 129 -6.34 0.19 -31.24
CA ALA B 129 -7.68 -0.02 -30.71
C ALA B 129 -7.77 0.51 -29.28
N SER B 130 -8.98 0.70 -28.74
CA SER B 130 -9.12 1.12 -27.31
C SER B 130 -10.44 0.78 -26.58
N PHE B 131 -10.39 0.73 -25.24
CA PHE B 131 -11.59 0.47 -24.45
C PHE B 131 -11.98 1.67 -23.54
N ASN B 132 -13.27 1.93 -23.43
CA ASN B 132 -13.80 2.76 -22.34
C ASN B 132 -14.35 1.87 -21.19
N ILE B 133 -13.84 2.10 -19.98
CA ILE B 133 -14.18 1.27 -18.81
C ILE B 133 -14.79 2.10 -17.65
N SER B 134 -15.87 1.62 -17.05
CA SER B 134 -16.62 2.38 -16.04
C SER B 134 -17.08 1.50 -14.86
N ASP B 135 -17.44 2.14 -13.75
CA ASP B 135 -17.97 1.45 -12.55
C ASP B 135 -19.49 1.53 -12.57
N VAL B 136 -20.15 0.84 -11.66
CA VAL B 136 -21.61 0.87 -11.54
C VAL B 136 -22.00 1.44 -10.17
N PRO B 137 -22.82 2.50 -10.14
CA PRO B 137 -23.19 3.06 -8.83
C PRO B 137 -24.23 2.19 -8.08
N ARG B 138 -24.08 2.08 -6.77
CA ARG B 138 -25.08 1.42 -5.94
C ARG B 138 -26.36 2.22 -5.93
N PRO B 139 -27.52 1.54 -5.93
CA PRO B 139 -28.81 2.20 -5.95
C PRO B 139 -29.40 2.26 -4.55
N ASN B 140 -30.53 2.95 -4.38
CA ASN B 140 -31.28 2.82 -3.15
C ASN B 140 -30.57 3.49 -1.98
N LEU B 141 -29.87 4.58 -2.25
CA LEU B 141 -29.09 5.22 -1.21
C LEU B 141 -29.49 6.69 -0.96
N LYS B 142 -29.81 7.41 -2.04
CA LYS B 142 -30.00 8.86 -1.98
C LYS B 142 -30.83 9.37 -0.78
N ASP B 143 -31.92 8.67 -0.47
CA ASP B 143 -32.82 9.16 0.56
C ASP B 143 -32.20 9.21 1.95
N TYR B 144 -30.88 9.37 2.02
N TYR B 144 -30.88 9.38 2.01
CA TYR B 144 -30.23 9.69 3.28
CA TYR B 144 -30.17 9.65 3.27
C TYR B 144 -29.92 11.16 3.38
C TYR B 144 -29.99 11.15 3.50
N LEU B 145 -30.90 11.93 2.94
CA LEU B 145 -31.04 13.29 3.35
C LEU B 145 -31.34 13.10 4.83
N GLU B 146 -31.80 11.90 5.19
CA GLU B 146 -32.14 11.57 6.57
C GLU B 146 -30.99 11.75 7.56
N LYS B 147 -29.77 11.43 7.14
CA LYS B 147 -28.60 11.63 8.00
C LYS B 147 -28.32 13.12 8.12
N LEU B 148 -28.42 13.82 6.99
CA LEU B 148 -28.13 15.25 6.92
C LEU B 148 -29.04 16.01 7.87
N LYS B 149 -30.31 15.66 7.86
CA LYS B 149 -31.25 16.37 8.70
C LYS B 149 -31.44 15.64 10.02
N ASN B 150 -31.17 14.34 9.98
CA ASN B 150 -31.46 13.42 11.08
C ASN B 150 -30.47 13.71 12.17
N GLU B 151 -29.94 14.92 12.09
CA GLU B 151 -29.13 15.57 13.10
C GLU B 151 -28.27 16.45 12.26
N GLY B 152 -27.24 17.01 12.83
CA GLY B 152 -26.34 17.75 12.00
C GLY B 152 -25.20 16.86 11.64
N LEU B 153 -25.45 15.82 10.84
CA LEU B 153 -24.34 15.03 10.29
C LEU B 153 -23.80 15.71 9.04
N LYS B 154 -22.50 15.96 9.05
CA LYS B 154 -21.78 16.42 7.88
C LYS B 154 -21.35 15.20 7.05
N ILE B 155 -21.58 15.24 5.72
CA ILE B 155 -21.18 14.15 4.81
C ILE B 155 -20.06 14.58 3.84
N ILE B 156 -19.09 13.70 3.61
CA ILE B 156 -17.98 13.99 2.69
C ILE B 156 -17.61 12.76 1.83
N ILE B 157 -17.28 13.00 0.55
CA ILE B 157 -16.80 11.94 -0.36
C ILE B 157 -15.31 12.19 -0.72
N LEU B 158 -14.44 11.22 -0.42
CA LEU B 158 -13.04 11.24 -0.86
C LEU B 158 -12.80 10.20 -1.96
N SER B 159 -11.90 10.49 -2.90
CA SER B 159 -11.69 9.59 -4.04
C SER B 159 -10.35 9.80 -4.75
N GLY B 160 -9.78 8.70 -5.27
CA GLY B 160 -8.59 8.76 -6.11
C GLY B 160 -8.89 8.94 -7.60
N ASP B 161 -10.17 8.92 -7.95
CA ASP B 161 -10.65 9.01 -9.33
C ASP B 161 -10.72 10.46 -9.87
N LYS B 162 -10.80 10.62 -11.20
CA LYS B 162 -10.83 11.96 -11.82
C LYS B 162 -12.05 12.76 -11.34
N GLU B 163 -11.94 14.09 -11.44
CA GLU B 163 -13.00 14.96 -10.94
C GLU B 163 -14.38 14.79 -11.60
N ASP B 164 -14.44 14.51 -12.91
CA ASP B 164 -15.74 14.46 -13.58
C ASP B 164 -16.61 13.31 -13.08
N LYS B 165 -16.00 12.15 -12.87
CA LYS B 165 -16.72 11.00 -12.30
C LYS B 165 -17.21 11.27 -10.89
N VAL B 166 -16.37 11.91 -10.07
CA VAL B 166 -16.71 12.19 -8.67
C VAL B 166 -17.83 13.25 -8.59
N LYS B 167 -17.71 14.30 -9.39
CA LYS B 167 -18.73 15.35 -9.45
C LYS B 167 -20.09 14.77 -9.82
N GLU B 168 -20.05 13.86 -10.80
CA GLU B 168 -21.25 13.23 -11.33
C GLU B 168 -21.96 12.45 -10.22
N LEU B 169 -21.20 11.64 -9.47
CA LEU B 169 -21.78 10.82 -8.43
C LEU B 169 -22.29 11.68 -7.25
N SER B 170 -21.60 12.78 -7.00
CA SER B 170 -22.00 13.71 -5.92
C SER B 170 -23.30 14.46 -6.24
N LYS B 171 -23.57 14.67 -7.53
CA LYS B 171 -24.82 15.34 -7.92
C LYS B 171 -25.98 14.37 -7.74
N GLU B 172 -25.84 13.18 -8.28
CA GLU B 172 -26.84 12.13 -8.11
C GLU B 172 -27.23 11.96 -6.64
N LEU B 173 -26.23 11.93 -5.76
CA LEU B 173 -26.50 11.68 -4.34
C LEU B 173 -26.87 12.95 -3.57
N ASN B 174 -26.77 14.10 -4.24
CA ASN B 174 -26.98 15.39 -3.60
C ASN B 174 -26.08 15.58 -2.39
N ILE B 175 -24.78 15.28 -2.54
CA ILE B 175 -23.82 15.55 -1.49
C ILE B 175 -22.94 16.69 -1.96
N GLN B 176 -22.87 17.74 -1.16
CA GLN B 176 -22.17 18.96 -1.57
C GLN B 176 -20.63 18.88 -1.61
N GLU B 177 -20.00 18.39 -0.53
CA GLU B 177 -18.53 18.48 -0.42
C GLU B 177 -17.78 17.18 -0.77
N TYR B 178 -16.93 17.24 -1.81
CA TYR B 178 -16.13 16.09 -2.27
C TYR B 178 -14.68 16.49 -2.59
N TYR B 179 -13.80 15.49 -2.74
CA TYR B 179 -12.38 15.67 -3.08
C TYR B 179 -11.89 14.60 -4.06
N SER B 180 -11.30 15.06 -5.17
CA SER B 180 -10.86 14.23 -6.29
C SER B 180 -9.35 14.13 -6.39
N ASN B 181 -8.88 13.15 -7.17
CA ASN B 181 -7.47 12.92 -7.44
C ASN B 181 -6.56 12.79 -6.21
N LEU B 182 -7.05 12.19 -5.12
CA LEU B 182 -6.26 12.09 -3.88
C LEU B 182 -5.38 10.83 -3.83
N SER B 183 -4.21 10.98 -3.23
CA SER B 183 -3.37 9.86 -2.84
C SER B 183 -3.76 9.42 -1.43
N PRO B 184 -3.31 8.25 -1.00
CA PRO B 184 -3.63 7.80 0.36
C PRO B 184 -3.10 8.76 1.43
N GLU B 185 -1.96 9.41 1.16
CA GLU B 185 -1.38 10.37 2.09
C GLU B 185 -2.19 11.66 2.20
N ASP B 186 -2.81 12.07 1.10
CA ASP B 186 -3.76 13.17 1.16
C ASP B 186 -4.94 12.84 2.09
N LYS B 187 -5.44 11.60 2.02
CA LYS B 187 -6.61 11.23 2.81
C LYS B 187 -6.26 11.24 4.30
N VAL B 188 -5.07 10.72 4.61
CA VAL B 188 -4.52 10.73 5.96
C VAL B 188 -4.51 12.14 6.54
N ARG B 189 -3.99 13.10 5.79
CA ARG B 189 -3.93 14.47 6.28
C ARG B 189 -5.33 15.07 6.49
N ILE B 190 -6.22 14.86 5.51
CA ILE B 190 -7.58 15.39 5.60
C ILE B 190 -8.28 14.95 6.88
N ILE B 191 -8.21 13.66 7.20
CA ILE B 191 -8.77 13.16 8.46
C ILE B 191 -8.03 13.67 9.69
N GLU B 192 -6.74 13.91 9.58
CA GLU B 192 -5.99 14.41 10.74
C GLU B 192 -6.44 15.83 11.11
N LYS B 193 -6.65 16.68 10.11
CA LYS B 193 -7.13 18.04 10.37
C LYS B 193 -8.54 18.08 10.98
N LEU B 194 -9.43 17.21 10.51
CA LEU B 194 -10.78 17.17 11.04
C LEU B 194 -10.80 16.77 12.52
N LYS B 195 -9.92 15.84 12.91
CA LYS B 195 -9.87 15.42 14.31
C LYS B 195 -9.24 16.50 15.21
N GLN B 196 -8.10 17.05 14.81
CA GLN B 196 -7.49 18.17 15.55
C GLN B 196 -8.48 19.31 15.73
N ASN B 197 -9.46 19.41 14.83
CA ASN B 197 -10.51 20.43 14.94
C ASN B 197 -11.71 20.05 15.82
N GLY B 198 -11.69 18.86 16.40
CA GLY B 198 -12.73 18.47 17.34
C GLY B 198 -13.82 17.55 16.79
N ASN B 199 -13.85 17.36 15.47
CA ASN B 199 -14.84 16.48 14.86
C ASN B 199 -14.63 14.99 15.21
N LYS B 200 -15.73 14.27 15.36
CA LYS B 200 -15.70 12.83 15.58
C LYS B 200 -16.06 12.11 14.27
N VAL B 201 -15.12 11.38 13.70
CA VAL B 201 -15.27 10.89 12.32
C VAL B 201 -15.61 9.40 12.20
N LEU B 202 -16.66 9.09 11.44
CA LEU B 202 -16.91 7.72 11.03
C LEU B 202 -16.60 7.56 9.53
N MET B 203 -15.76 6.59 9.17
CA MET B 203 -15.33 6.43 7.78
C MET B 203 -15.58 5.02 7.22
N ILE B 204 -16.01 4.96 5.97
CA ILE B 204 -16.31 3.69 5.29
C ILE B 204 -15.39 3.50 4.06
N GLY B 205 -14.67 2.38 4.02
CA GLY B 205 -13.83 2.05 2.88
C GLY B 205 -13.71 0.55 2.56
N ASP B 206 -12.78 0.20 1.66
CA ASP B 206 -12.43 -1.21 1.41
C ASP B 206 -11.25 -1.32 0.45
N GLY B 207 -10.14 -1.90 0.89
CA GLY B 207 -9.02 -2.06 -0.01
C GLY B 207 -7.85 -1.09 0.18
N VAL B 208 -6.73 -1.40 -0.48
CA VAL B 208 -5.41 -0.86 -0.11
C VAL B 208 -5.29 0.67 0.07
N ASN B 209 -5.93 1.45 -0.80
CA ASN B 209 -5.81 2.91 -0.70
C ASN B 209 -6.71 3.54 0.38
N ASP B 210 -7.30 2.70 1.22
CA ASP B 210 -8.18 3.19 2.29
C ASP B 210 -7.69 2.74 3.67
N ALA B 211 -6.67 1.89 3.70
CA ALA B 211 -6.26 1.26 4.94
C ALA B 211 -5.74 2.24 6.03
N ALA B 212 -4.91 3.21 5.64
CA ALA B 212 -4.31 4.11 6.63
C ALA B 212 -5.31 5.15 7.16
N ALA B 213 -6.09 5.72 6.25
CA ALA B 213 -7.15 6.61 6.64
C ALA B 213 -8.07 5.93 7.65
N LEU B 214 -8.47 4.69 7.35
CA LEU B 214 -9.40 3.95 8.21
C LEU B 214 -8.81 3.73 9.61
N ALA B 215 -7.51 3.42 9.70
CA ALA B 215 -6.87 3.22 11.01
C ALA B 215 -6.97 4.50 11.88
N LEU B 216 -7.16 5.64 11.22
CA LEU B 216 -7.20 6.92 11.90
C LEU B 216 -8.60 7.34 12.39
N ALA B 217 -9.64 6.80 11.77
CA ALA B 217 -11.02 7.20 12.04
C ALA B 217 -11.45 6.90 13.50
N ASP B 218 -12.42 7.65 14.03
CA ASP B 218 -12.95 7.29 15.36
C ASP B 218 -13.78 5.99 15.32
N VAL B 219 -14.56 5.79 14.28
CA VAL B 219 -15.19 4.49 14.02
C VAL B 219 -14.92 4.12 12.54
N SER B 220 -14.31 2.95 12.32
CA SER B 220 -13.95 2.47 10.98
C SER B 220 -14.84 1.28 10.56
N VAL B 221 -15.33 1.33 9.32
CA VAL B 221 -16.17 0.29 8.74
C VAL B 221 -15.58 -0.24 7.43
N ALA B 222 -15.34 -1.56 7.36
CA ALA B 222 -14.80 -2.18 6.12
C ALA B 222 -15.80 -3.08 5.36
N MET B 223 -15.93 -2.90 4.04
CA MET B 223 -16.78 -3.77 3.22
C MET B 223 -16.34 -5.26 3.33
N GLY B 224 -17.31 -6.18 3.22
CA GLY B 224 -17.03 -7.61 3.33
C GLY B 224 -16.15 -8.16 2.20
N ASN B 225 -16.34 -7.60 1.02
CA ASN B 225 -15.53 -7.93 -0.15
C ASN B 225 -14.29 -7.05 -0.29
N GLY B 226 -13.90 -6.38 0.79
CA GLY B 226 -12.73 -5.52 0.75
C GLY B 226 -11.43 -6.29 0.87
N VAL B 227 -10.32 -5.55 0.75
CA VAL B 227 -8.99 -6.11 0.95
C VAL B 227 -8.85 -6.58 2.39
N ASP B 228 -8.06 -7.63 2.60
CA ASP B 228 -7.96 -8.24 3.91
C ASP B 228 -7.46 -7.26 4.95
N ILE B 229 -6.96 -6.12 4.48
CA ILE B 229 -6.73 -4.98 5.36
C ILE B 229 -8.08 -4.30 5.60
N SER B 230 -9.00 -5.10 6.12
CA SER B 230 -10.16 -4.60 6.83
C SER B 230 -9.75 -4.72 8.29
N LYS B 231 -9.08 -5.84 8.57
CA LYS B 231 -8.51 -6.11 9.87
C LYS B 231 -7.83 -4.88 10.48
N ASN B 232 -7.31 -4.01 9.62
CA ASN B 232 -6.50 -2.87 10.04
C ASN B 232 -7.37 -1.76 10.55
N VAL B 233 -8.03 -2.04 11.68
CA VAL B 233 -9.23 -1.37 12.13
C VAL B 233 -10.43 -2.11 11.56
N ALA B 234 -11.35 -1.37 10.96
CA ALA B 234 -12.71 -1.86 10.84
C ALA B 234 -13.02 -2.35 12.24
N ASP B 235 -13.50 -1.41 13.03
CA ASP B 235 -14.30 -1.67 14.21
C ASP B 235 -15.53 -2.48 13.80
N ILE B 236 -15.87 -2.39 12.53
CA ILE B 236 -17.06 -3.03 12.01
C ILE B 236 -16.80 -3.55 10.60
N ILE B 237 -17.01 -4.84 10.39
CA ILE B 237 -16.94 -5.43 9.06
C ILE B 237 -18.36 -5.64 8.61
N LEU B 238 -18.72 -4.99 7.50
CA LEU B 238 -20.05 -5.13 6.94
C LEU B 238 -20.11 -6.37 5.99
N VAL B 239 -20.35 -7.55 6.56
CA VAL B 239 -20.32 -8.81 5.83
C VAL B 239 -21.36 -8.94 4.75
N SER B 240 -22.49 -8.27 4.94
CA SER B 240 -23.59 -8.31 3.99
C SER B 240 -23.38 -7.36 2.81
N ASN B 241 -22.43 -6.45 2.93
CA ASN B 241 -22.23 -5.37 1.97
C ASN B 241 -23.42 -4.44 1.78
N ASP B 242 -24.33 -4.47 2.76
CA ASP B 242 -25.55 -3.67 2.74
C ASP B 242 -25.34 -2.31 3.41
N ILE B 243 -25.04 -1.30 2.61
CA ILE B 243 -24.83 0.06 3.12
C ILE B 243 -26.09 0.65 3.78
N GLY B 244 -27.25 0.39 3.19
CA GLY B 244 -28.52 0.87 3.72
C GLY B 244 -28.69 0.54 5.19
N THR B 245 -28.34 -0.69 5.57
CA THR B 245 -28.51 -1.14 6.95
C THR B 245 -27.61 -0.40 7.92
N LEU B 246 -26.34 -0.23 7.54
CA LEU B 246 -25.39 0.49 8.38
C LEU B 246 -25.92 1.89 8.67
N LEU B 247 -26.35 2.56 7.61
CA LEU B 247 -26.88 3.92 7.72
C LEU B 247 -28.14 3.99 8.57
N GLY B 248 -28.97 2.96 8.50
CA GLY B 248 -30.10 2.82 9.41
C GLY B 248 -29.63 2.75 10.85
N LEU B 249 -28.57 1.99 11.09
CA LEU B 249 -28.02 1.88 12.44
C LEU B 249 -27.53 3.23 12.97
N ILE B 250 -26.87 4.00 12.11
CA ILE B 250 -26.34 5.29 12.50
C ILE B 250 -27.46 6.29 12.87
N LYS B 251 -28.51 6.33 12.05
CA LYS B 251 -29.67 7.18 12.34
C LYS B 251 -30.26 6.86 13.72
N ASN B 252 -30.47 5.57 13.99
CA ASN B 252 -31.03 5.12 15.27
C ASN B 252 -30.24 5.57 16.49
N ARG B 253 -28.94 5.25 16.51
CA ARG B 253 -28.09 5.62 17.62
C ARG B 253 -27.84 7.12 17.66
C' A99 C . 12.99 -7.37 1.84
N1 A99 C . 10.81 -14.53 -4.04
C2 A99 C . 10.69 -15.16 -2.86
N3 A99 C . 9.92 -14.68 -1.86
C4 A99 C . 9.21 -13.54 -2.02
C5 A99 C . 9.30 -12.80 -3.29
C6 A99 C . 10.17 -13.37 -4.34
N6 A99 C . 10.33 -12.77 -5.55
N7 A99 C . 8.51 -11.71 -3.17
C8 A99 C . 7.97 -11.75 -1.93
N9 A99 C . 8.38 -12.83 -1.25
PA A99 C . 6.45 -8.07 0.31
PB A99 C . 8.75 -6.73 1.15
PG A99 C . 10.66 -7.11 3.20
O'L A99 C . 14.24 -8.57 4.04
O'M A99 C . 16.30 -8.17 4.36
C1' A99 C . 16.03 -5.63 3.47
O1A A99 C . 5.94 -7.69 1.67
C1B A99 C . 7.98 -13.19 0.13
O1B A99 C . 9.49 -5.85 0.16
O1G A99 C . 10.74 -5.59 3.13
C2' A99 C . 15.10 -6.63 3.21
N2' A99 C . 15.21 -7.84 3.90
O2' A99 C . 9.13 -13.46 2.20
O2A A99 C . 5.84 -7.45 -0.93
C2B A99 C . 8.91 -12.55 1.13
O2B A99 C . 7.77 -6.13 2.13
O2G A99 C . 12.14 -7.72 2.95
C3' A99 C . 14.03 -6.37 2.21
O3' A99 C . 8.53 -11.03 2.98
O3A A99 C . 8.02 -7.86 0.26
C3B A99 C . 8.19 -11.31 1.61
O3B A99 C . 9.82 -7.65 1.94
O3G A99 C . 10.10 -7.74 4.45
C4' A99 C . 14.01 -5.14 1.56
O4' A99 C . 6.66 -12.65 0.38
C4B A99 C . 6.72 -11.69 1.44
C5' A99 C . 14.96 -4.18 1.86
O5' A99 C . 6.40 -9.67 0.15
C5B A99 C . 5.82 -10.50 1.15
C6' A99 C . 15.96 -4.42 2.80
CM' A99 C . 12.22 -6.84 0.64
C' A99 D . -9.64 -0.49 -11.73
N1 A99 D . -4.55 -4.30 -18.48
C2 A99 D . -4.58 -3.02 -18.88
N3 A99 D . -4.12 -2.01 -18.14
C4 A99 D . -3.58 -2.26 -16.91
C5 A99 D . -3.52 -3.63 -16.39
C6 A99 D . -4.04 -4.70 -17.28
N6 A99 D . -4.03 -6.01 -16.92
N7 A99 D . -2.95 -3.53 -15.18
C8 A99 D . -2.68 -2.22 -14.93
N9 A99 D . -3.06 -1.46 -15.97
PA A99 D . -2.66 -0.35 -11.06
PB A99 D . -5.20 0.30 -10.01
PG A99 D . -7.45 1.13 -11.42
O'L A99 D . -12.89 -1.63 -9.71
O'M A99 D . -11.64 -0.17 -8.84
C1' A99 D . -13.35 0.69 -11.48
O1A A99 D . -1.93 0.48 -10.03
C1B A99 D . -2.97 0.00 -16.16
O1B A99 D . -4.93 -0.85 -9.06
O1G A99 D . -8.02 1.91 -10.27
C2' A99 D . -12.18 0.07 -11.06
N2' A99 D . -12.23 -0.61 -9.83
O2' A99 D . -4.55 1.72 -16.59
O2A A99 D . -2.80 -1.85 -10.90
C2B A99 D . -4.31 0.58 -15.75
O2B A99 D . -5.29 1.72 -9.51
O2G A99 D . -8.61 0.38 -12.26
C3' A99 D . -10.98 0.14 -11.96
O3' A99 D . -4.94 2.17 -14.09
O3A A99 D . -4.14 0.25 -11.20
C3B A99 D . -4.09 1.04 -14.33
O3B A99 D . -6.56 -0.04 -10.79
O3G A99 D . -6.60 1.82 -12.45
C4' A99 D . -11.11 0.83 -13.17
O4' A99 D . -1.98 0.58 -15.31
C4B A99 D . -2.61 1.44 -14.34
C5' A99 D . -12.30 1.44 -13.53
O5' A99 D . -2.08 -0.05 -12.52
C5B A99 D . -1.94 1.30 -12.97
C6' A99 D . -13.42 1.37 -12.70
CM' A99 D . -9.35 -0.90 -10.28
P PO4 E . -11.29 18.87 -6.35
O1 PO4 E . -12.72 19.33 -6.21
O2 PO4 E . -11.18 17.43 -5.87
O3 PO4 E . -10.88 18.95 -7.80
O4 PO4 E . -10.38 19.72 -5.51
#